data_8TQS
#
_entry.id   8TQS
#
_cell.length_a   81.626
_cell.length_b   81.626
_cell.length_c   190.514
_cell.angle_alpha   90.000
_cell.angle_beta   90.000
_cell.angle_gamma   90.000
#
_symmetry.space_group_name_H-M   'P 41 21 2'
#
loop_
_entity.id
_entity.type
_entity.pdbx_description
1 polymer 'DNA (30-MER)'
2 polymer 'Thrombin heavy chain'
3 polymer Prothrombin
4 non-polymer 'MAGNESIUM ION'
5 non-polymer 'SODIUM ION'
6 non-polymer '2-(N-MORPHOLINO)-ETHANESULFONIC ACID'
7 non-polymer N-[(2-{[(4-carbamimidoylphenyl)amino]methyl}-1-methyl-1H-benzimidazol-5-yl)carbonyl]-N-pyridin-2-yl-beta-alanine
8 non-polymer 2-acetamido-2-deoxy-beta-D-glucopyranose
9 water water
#
loop_
_entity_poly.entity_id
_entity_poly.type
_entity_poly.pdbx_seq_one_letter_code
_entity_poly.pdbx_strand_id
1 'polydeoxyribonucleotide'
;(DA)(DA)(DG)(DT)(DC)(DC)(DG)(DT)(DG)(DG)(DT)(DA)(DG)(DG)(DG)(DC)(DA)(DG)(DG)(DT)
(DT)(DG)(DG)(DG)(DG)(DT)(DG)(DA)(DC)(DT)
;
D
2 'polypeptide(L)'
;IVEGSDAEIGMSPWQVMLFRKSPQELLCGASLISDRWVLTAAHCLLYPPWDKNFTENDLLVRIGKHSRTRYERNIEKISM
LEKIYIHPRYNWRENLDRDIALMKLKKPVAFSDYIHPVCLPDRETAASLLQAGYKGRVTGWGNLKETWTANVGKGQPSVL
QVVNLPIVERPVCKDSTRIRITDNMFCAGYKPDEGKRGDACEGDAGGPFVMKSPFNNRWYQMGIVSWGEGCDRDGKYGFY
THVFRLKKWIQKVIDQFGE
;
H
3 'polypeptide(L)' YQTFFNPRTFGSGEADCGLRPLFEKKSLEDKTERELLESYI L
#
loop_
_chem_comp.id
_chem_comp.type
_chem_comp.name
_chem_comp.formula
4CC non-polymer N-[(2-{[(4-carbamimidoylphenyl)amino]methyl}-1-methyl-1H-benzimidazol-5-yl)carbonyl]-N-pyridin-2-yl-beta-alanine 'C25 H25 N7 O3'
DA DNA linking 2'-DEOXYADENOSINE-5'-MONOPHOSPHATE 'C10 H14 N5 O6 P'
DC DNA linking 2'-DEOXYCYTIDINE-5'-MONOPHOSPHATE 'C9 H14 N3 O7 P'
DG DNA linking 2'-DEOXYGUANOSINE-5'-MONOPHOSPHATE 'C10 H14 N5 O7 P'
DT DNA linking THYMIDINE-5'-MONOPHOSPHATE 'C10 H15 N2 O8 P'
MES non-polymer '2-(N-MORPHOLINO)-ETHANESULFONIC ACID' 'C6 H13 N O4 S'
MG non-polymer 'MAGNESIUM ION' 'Mg 2'
NA non-polymer 'SODIUM ION' 'Na 1'
NAG D-saccharide, beta linking 2-acetamido-2-deoxy-beta-D-glucopyranose 'C8 H15 N O6'
#
# COMPACT_ATOMS: atom_id res chain seq x y z
N ILE B 1 12.55 -1.55 -0.80
CA ILE B 1 12.65 -0.11 -0.44
C ILE B 1 14.12 0.35 -0.50
N VAL B 2 14.35 1.51 -1.13
CA VAL B 2 15.69 2.06 -1.25
C VAL B 2 15.81 3.23 -0.27
N GLU B 3 16.96 3.28 0.43
CA GLU B 3 17.31 4.36 1.32
C GLU B 3 16.28 4.44 2.45
N GLY B 4 15.76 3.28 2.86
CA GLY B 4 14.84 3.19 3.98
C GLY B 4 15.51 2.68 5.24
N SER B 5 14.68 2.38 6.24
CA SER B 5 15.12 1.81 7.50
C SER B 5 14.20 0.66 7.91
N ASP B 6 14.67 -0.14 8.89
CA ASP B 6 13.90 -1.21 9.48
C ASP B 6 12.65 -0.65 10.15
N ALA B 7 11.49 -1.23 9.82
CA ALA B 7 10.27 -0.91 10.53
C ALA B 7 10.39 -1.39 11.97
N GLU B 8 9.81 -0.63 12.89
CA GLU B 8 9.60 -1.08 14.25
C GLU B 8 8.48 -2.12 14.26
N ILE B 9 8.47 -2.97 15.30
CA ILE B 9 7.45 -3.97 15.48
C ILE B 9 6.10 -3.26 15.57
N GLY B 10 5.14 -3.68 14.74
CA GLY B 10 3.76 -3.23 14.82
C GLY B 10 3.53 -1.84 14.23
N MET B 11 4.50 -1.37 13.43
CA MET B 11 4.51 -0.01 12.90
C MET B 11 3.59 0.09 11.67
N SER B 12 3.41 -1.03 10.97
CA SER B 12 2.62 -1.10 9.74
C SER B 12 1.72 -2.33 9.79
N PRO B 13 0.81 -2.42 10.79
CA PRO B 13 0.07 -3.67 11.03
C PRO B 13 -0.97 -4.04 9.97
N TRP B 14 -1.10 -3.20 8.94
CA TRP B 14 -1.93 -3.49 7.78
C TRP B 14 -1.10 -4.04 6.63
N GLN B 15 0.23 -4.19 6.84
CA GLN B 15 1.10 -4.72 5.80
C GLN B 15 0.76 -6.17 5.52
N VAL B 16 0.71 -6.53 4.23
CA VAL B 16 0.41 -7.87 3.79
C VAL B 16 1.41 -8.31 2.72
N MET B 17 1.84 -9.57 2.80
CA MET B 17 2.74 -10.15 1.81
C MET B 17 1.92 -11.03 0.87
N LEU B 18 2.11 -10.84 -0.43
CA LEU B 18 1.46 -11.65 -1.45
C LEU B 18 2.47 -12.62 -2.05
N PHE B 19 2.29 -13.92 -1.78
CA PHE B 19 3.19 -14.96 -2.22
C PHE B 19 2.60 -15.78 -3.37
N ARG B 20 3.50 -16.32 -4.19
CA ARG B 20 3.17 -17.43 -5.07
C ARG B 20 3.39 -18.71 -4.29
N LYS B 21 2.55 -19.72 -4.53
CA LYS B 21 2.66 -21.00 -3.84
C LYS B 21 3.85 -21.79 -4.36
N SER B 22 3.78 -22.16 -5.64
CA SER B 22 4.77 -23.06 -6.21
C SER B 22 5.22 -22.52 -7.58
N PRO B 23 6.50 -22.15 -7.78
CA PRO B 23 7.52 -22.14 -6.72
C PRO B 23 7.31 -20.95 -5.78
N GLN B 24 7.64 -21.14 -4.49
CA GLN B 24 7.35 -20.14 -3.47
C GLN B 24 8.24 -18.92 -3.67
N GLU B 25 7.59 -17.77 -3.91
CA GLU B 25 8.28 -16.50 -4.03
C GLU B 25 7.35 -15.37 -3.59
N LEU B 26 7.94 -14.33 -2.99
CA LEU B 26 7.25 -13.09 -2.72
C LEU B 26 6.98 -12.37 -4.05
N LEU B 27 5.70 -12.06 -4.32
CA LEU B 27 5.30 -11.41 -5.56
C LEU B 27 5.22 -9.91 -5.36
N CYS B 28 4.53 -9.49 -4.30
CA CYS B 28 4.12 -8.12 -4.12
C CYS B 28 3.78 -7.84 -2.66
N GLY B 29 3.70 -6.55 -2.32
CA GLY B 29 2.99 -6.12 -1.14
C GLY B 29 1.48 -6.01 -1.37
N ALA B 30 0.77 -5.65 -0.30
CA ALA B 30 -0.67 -5.49 -0.27
C ALA B 30 -1.04 -4.87 1.07
N SER B 31 -2.32 -4.48 1.26
CA SER B 31 -2.73 -3.87 2.50
C SER B 31 -4.09 -4.38 2.98
N LEU B 32 -4.22 -4.43 4.31
CA LEU B 32 -5.42 -4.90 4.98
C LEU B 32 -6.31 -3.70 5.28
N ILE B 33 -7.52 -3.68 4.70
CA ILE B 33 -8.47 -2.59 4.91
C ILE B 33 -9.66 -3.05 5.77
N SER B 34 -9.76 -4.36 6.01
CA SER B 34 -10.75 -4.90 6.93
C SER B 34 -10.28 -6.28 7.38
N ASP B 35 -11.15 -7.00 8.09
CA ASP B 35 -10.83 -8.33 8.54
C ASP B 35 -10.85 -9.33 7.39
N ARG B 36 -11.24 -8.92 6.17
CA ARG B 36 -11.33 -9.89 5.10
C ARG B 36 -11.11 -9.31 3.70
N TRP B 37 -10.77 -8.03 3.59
CA TRP B 37 -10.49 -7.43 2.29
C TRP B 37 -9.06 -6.90 2.25
N VAL B 38 -8.40 -7.14 1.11
CA VAL B 38 -7.01 -6.76 0.91
C VAL B 38 -6.88 -6.00 -0.40
N LEU B 39 -6.11 -4.92 -0.35
CA LEU B 39 -5.89 -4.07 -1.51
C LEU B 39 -4.49 -4.33 -2.07
N THR B 40 -4.36 -4.38 -3.40
CA THR B 40 -3.06 -4.54 -4.02
C THR B 40 -3.08 -3.89 -5.40
N ALA B 41 -2.01 -4.07 -6.16
CA ALA B 41 -1.95 -3.57 -7.53
C ALA B 41 -2.39 -4.68 -8.48
N ALA B 42 -3.07 -4.27 -9.56
CA ALA B 42 -3.60 -5.18 -10.56
C ALA B 42 -2.45 -5.94 -11.24
N HIS B 43 -1.33 -5.25 -11.48
CA HIS B 43 -0.23 -5.83 -12.25
C HIS B 43 0.42 -6.98 -11.47
N CYS B 44 0.23 -7.01 -10.15
CA CYS B 44 0.74 -8.10 -9.33
C CYS B 44 0.07 -9.42 -9.71
N LEU B 45 -1.16 -9.35 -10.22
CA LEU B 45 -1.97 -10.51 -10.55
C LEU B 45 -2.05 -10.70 -12.06
N LEU B 46 -2.09 -9.60 -12.80
CA LEU B 46 -2.23 -9.66 -14.25
C LEU B 46 -1.34 -8.60 -14.91
N TYR B 47 -0.30 -9.08 -15.61
CA TYR B 47 0.57 -8.21 -16.39
C TYR B 47 1.12 -9.01 -17.56
N PRO B 48 0.40 -9.06 -18.72
CA PRO B 48 0.82 -9.87 -19.86
C PRO B 48 2.23 -9.65 -20.43
N PRO B 49 2.79 -8.43 -20.42
CA PRO B 49 4.17 -8.21 -20.88
C PRO B 49 5.25 -9.01 -20.15
N TRP B 50 4.99 -9.40 -18.89
CA TRP B 50 5.85 -10.30 -18.15
C TRP B 50 5.19 -11.66 -17.99
N ASP B 51 4.30 -12.00 -18.92
CA ASP B 51 3.48 -13.20 -18.85
C ASP B 51 3.08 -13.47 -17.39
N LYS B 52 2.55 -12.45 -16.71
CA LYS B 52 2.08 -12.56 -15.35
C LYS B 52 0.55 -12.68 -15.39
N ASN B 53 0.03 -13.80 -14.89
CA ASN B 53 -1.40 -14.06 -14.84
C ASN B 53 -1.69 -15.06 -13.73
N PHE B 54 -2.37 -14.60 -12.67
CA PHE B 54 -2.50 -15.39 -11.45
C PHE B 54 -3.97 -15.57 -11.08
N THR B 55 -4.30 -16.81 -10.70
CA THR B 55 -5.61 -17.15 -10.14
C THR B 55 -5.50 -17.19 -8.63
N GLU B 56 -6.65 -17.31 -7.97
CA GLU B 56 -6.77 -17.25 -6.51
C GLU B 56 -5.99 -18.39 -5.86
N ASN B 57 -5.95 -19.56 -6.53
CA ASN B 57 -5.32 -20.76 -5.99
C ASN B 57 -3.80 -20.71 -6.11
N ASP B 58 -3.28 -19.85 -6.98
CA ASP B 58 -1.84 -19.73 -7.18
C ASP B 58 -1.18 -19.02 -6.00
N LEU B 59 -1.96 -18.24 -5.25
CA LEU B 59 -1.41 -17.26 -4.32
C LEU B 59 -1.68 -17.62 -2.86
N LEU B 60 -0.95 -16.94 -1.99
CA LEU B 60 -1.05 -17.07 -0.55
C LEU B 60 -0.80 -15.68 0.04
N VAL B 61 -1.44 -15.35 1.16
CA VAL B 61 -1.13 -14.09 1.82
C VAL B 61 -0.66 -14.36 3.24
N ARG B 62 0.30 -13.54 3.69
CA ARG B 62 0.85 -13.61 5.03
C ARG B 62 0.73 -12.22 5.65
N ILE B 63 0.25 -12.19 6.89
CA ILE B 63 -0.16 -10.95 7.52
C ILE B 63 0.48 -10.89 8.90
N GLY B 64 0.82 -9.67 9.33
CA GLY B 64 1.38 -9.42 10.65
C GLY B 64 2.87 -9.76 10.74
N LYS B 65 3.56 -9.70 9.60
CA LYS B 65 4.94 -10.17 9.51
C LYS B 65 5.92 -9.00 9.66
N HIS B 66 7.05 -9.28 10.34
CA HIS B 66 8.17 -8.35 10.43
C HIS B 66 9.34 -8.93 9.63
N SER B 67 9.75 -10.16 9.97
CA SER B 67 10.87 -10.81 9.31
C SER B 67 10.43 -11.53 8.04
N ARG B 68 11.03 -11.15 6.90
CA ARG B 68 10.73 -11.71 5.59
C ARG B 68 10.84 -13.24 5.57
N THR B 69 11.78 -13.78 6.36
CA THR B 69 12.17 -15.17 6.26
C THR B 69 11.38 -15.98 7.28
N ARG B 70 11.84 -15.96 8.54
CA ARG B 70 11.41 -16.90 9.57
C ARG B 70 9.92 -16.76 9.85
N TYR B 71 9.30 -17.89 10.19
CA TYR B 71 7.91 -17.94 10.61
C TYR B 71 7.81 -17.39 12.03
N GLU B 72 6.80 -16.55 12.26
CA GLU B 72 6.66 -15.81 13.51
C GLU B 72 5.42 -16.32 14.24
N ARG B 73 5.58 -17.40 15.00
CA ARG B 73 4.47 -18.08 15.66
C ARG B 73 3.72 -17.09 16.54
N ASN B 74 2.39 -17.20 16.53
CA ASN B 74 1.48 -16.41 17.36
C ASN B 74 1.65 -14.93 17.04
N ILE B 75 2.09 -14.59 15.83
CA ILE B 75 2.19 -13.21 15.40
C ILE B 75 1.64 -13.09 13.99
N GLU B 76 2.24 -13.83 13.06
CA GLU B 76 1.81 -13.79 11.67
C GLU B 76 0.63 -14.73 11.48
N LYS B 77 -0.17 -14.45 10.44
CA LYS B 77 -1.32 -15.26 10.08
C LYS B 77 -1.28 -15.55 8.59
N ILE B 78 -1.66 -16.79 8.23
CA ILE B 78 -1.76 -17.21 6.84
C ILE B 78 -3.23 -17.04 6.43
N SER B 79 -3.46 -16.67 5.16
CA SER B 79 -4.80 -16.68 4.61
C SER B 79 -4.77 -17.04 3.13
N MET B 80 -5.90 -17.59 2.68
CA MET B 80 -6.10 -17.94 1.28
C MET B 80 -7.05 -16.91 0.68
N LEU B 81 -7.05 -16.80 -0.65
CA LEU B 81 -7.92 -15.89 -1.36
C LEU B 81 -9.17 -16.62 -1.82
N GLU B 82 -10.34 -16.02 -1.54
CA GLU B 82 -11.60 -16.47 -2.09
C GLU B 82 -11.69 -16.02 -3.55
N LYS B 83 -11.45 -14.74 -3.78
CA LYS B 83 -11.74 -14.13 -5.07
C LYS B 83 -10.91 -12.86 -5.24
N ILE B 84 -10.55 -12.59 -6.50
CA ILE B 84 -9.77 -11.44 -6.89
C ILE B 84 -10.61 -10.58 -7.83
N TYR B 85 -10.57 -9.25 -7.63
CA TYR B 85 -11.28 -8.32 -8.49
C TYR B 85 -10.30 -7.27 -9.00
N ILE B 86 -10.02 -7.32 -10.31
CA ILE B 86 -9.23 -6.31 -10.98
C ILE B 86 -10.16 -5.26 -11.57
N HIS B 87 -9.76 -3.99 -11.50
CA HIS B 87 -10.55 -2.90 -12.08
C HIS B 87 -10.72 -3.15 -13.57
N PRO B 88 -11.95 -3.07 -14.12
CA PRO B 88 -12.17 -3.32 -15.55
C PRO B 88 -11.51 -2.33 -16.49
N ARG B 89 -11.11 -1.16 -15.98
CA ARG B 89 -10.47 -0.12 -16.79
C ARG B 89 -8.95 -0.18 -16.65
N TYR B 90 -8.43 -1.20 -15.94
CA TYR B 90 -7.01 -1.40 -15.78
C TYR B 90 -6.36 -1.56 -17.16
N ASN B 91 -5.37 -0.72 -17.43
CA ASN B 91 -4.67 -0.71 -18.71
C ASN B 91 -3.23 -1.18 -18.49
N TRP B 92 -2.97 -2.46 -18.82
CA TRP B 92 -1.70 -3.12 -18.54
C TRP B 92 -0.65 -2.84 -19.61
N ARG B 93 -1.03 -2.12 -20.67
CA ARG B 93 -0.19 -1.98 -21.85
C ARG B 93 0.37 -0.57 -21.89
N GLU B 94 -0.50 0.44 -21.89
CA GLU B 94 -0.08 1.80 -22.23
C GLU B 94 0.57 2.49 -21.05
N ASN B 95 -0.05 2.46 -19.86
CA ASN B 95 0.35 3.37 -18.80
C ASN B 95 0.04 2.87 -17.39
N LEU B 96 -0.38 1.60 -17.24
CA LEU B 96 -0.82 1.06 -15.97
C LEU B 96 -1.88 1.95 -15.29
N ASP B 97 -2.73 2.60 -16.09
CA ASP B 97 -3.88 3.31 -15.55
C ASP B 97 -4.76 2.37 -14.72
N ARG B 98 -5.19 2.85 -13.55
CA ARG B 98 -6.11 2.12 -12.67
C ARG B 98 -5.52 0.77 -12.29
N ASP B 99 -4.30 0.82 -11.73
CA ASP B 99 -3.55 -0.35 -11.31
C ASP B 99 -3.96 -0.70 -9.87
N ILE B 100 -5.10 -1.41 -9.75
CA ILE B 100 -5.68 -1.70 -8.45
C ILE B 100 -6.44 -3.03 -8.52
N ALA B 101 -6.33 -3.81 -7.45
CA ALA B 101 -7.08 -5.02 -7.30
C ALA B 101 -7.56 -5.14 -5.86
N LEU B 102 -8.75 -5.72 -5.70
CA LEU B 102 -9.28 -6.09 -4.40
C LEU B 102 -9.21 -7.60 -4.29
N MET B 103 -8.91 -8.09 -3.10
CA MET B 103 -8.77 -9.51 -2.88
C MET B 103 -9.55 -9.86 -1.62
N LYS B 104 -10.39 -10.90 -1.73
CA LYS B 104 -11.27 -11.32 -0.65
C LYS B 104 -10.64 -12.54 0.02
N LEU B 105 -10.48 -12.48 1.35
CA LEU B 105 -9.93 -13.62 2.06
C LEU B 105 -11.03 -14.66 2.23
N LYS B 106 -10.63 -15.94 2.21
CA LYS B 106 -11.55 -17.06 2.31
C LYS B 106 -12.17 -17.10 3.71
N LYS B 107 -11.47 -16.59 4.72
CA LYS B 107 -12.00 -16.44 6.07
C LYS B 107 -11.50 -15.14 6.67
N PRO B 108 -12.24 -14.52 7.62
CA PRO B 108 -11.75 -13.34 8.33
C PRO B 108 -10.50 -13.61 9.16
N VAL B 109 -9.59 -12.63 9.21
CA VAL B 109 -8.39 -12.72 10.03
C VAL B 109 -8.68 -12.03 11.37
N ALA B 110 -8.15 -12.60 12.46
CA ALA B 110 -8.24 -11.97 13.77
C ALA B 110 -7.22 -10.83 13.85
N PHE B 111 -7.62 -9.73 14.50
CA PHE B 111 -6.77 -8.58 14.72
C PHE B 111 -5.94 -8.81 15.98
N SER B 112 -4.81 -8.10 16.06
CA SER B 112 -3.84 -8.28 17.13
C SER B 112 -2.96 -7.03 17.21
N ASP B 113 -1.91 -7.05 18.05
CA ASP B 113 -0.93 -5.99 18.09
C ASP B 113 -0.27 -5.79 16.73
N TYR B 114 -0.22 -6.87 15.92
CA TYR B 114 0.55 -6.91 14.69
C TYR B 114 -0.35 -6.87 13.45
N ILE B 115 -1.66 -7.11 13.63
CA ILE B 115 -2.60 -7.18 12.52
C ILE B 115 -3.75 -6.21 12.78
N HIS B 116 -3.86 -5.19 11.92
CA HIS B 116 -4.85 -4.15 12.09
C HIS B 116 -5.02 -3.39 10.77
N PRO B 117 -6.26 -3.06 10.35
CA PRO B 117 -6.49 -2.44 9.04
C PRO B 117 -6.16 -0.95 8.99
N VAL B 118 -5.84 -0.50 7.77
CA VAL B 118 -5.65 0.91 7.48
C VAL B 118 -7.00 1.49 7.07
N CYS B 119 -7.18 2.80 7.30
CA CYS B 119 -8.36 3.53 6.85
C CYS B 119 -8.25 3.80 5.35
N LEU B 120 -9.41 3.86 4.70
CA LEU B 120 -9.50 4.38 3.34
C LEU B 120 -9.88 5.85 3.43
N PRO B 121 -9.32 6.70 2.54
CA PRO B 121 -9.59 8.14 2.57
C PRO B 121 -11.02 8.47 2.13
N ASP B 122 -11.53 9.58 2.66
CA ASP B 122 -12.74 10.20 2.17
C ASP B 122 -12.35 11.48 1.44
N ARG B 123 -13.35 12.17 0.88
CA ARG B 123 -13.15 13.38 0.08
C ARG B 123 -12.31 14.40 0.84
N GLU B 124 -12.51 14.50 2.16
CA GLU B 124 -11.90 15.57 2.93
C GLU B 124 -10.43 15.25 3.22
N THR B 125 -10.12 13.96 3.44
CA THR B 125 -8.75 13.57 3.68
C THR B 125 -7.96 13.70 2.38
N ALA B 126 -8.61 13.41 1.25
CA ALA B 126 -8.01 13.61 -0.07
C ALA B 126 -7.67 15.09 -0.26
N ALA B 127 -8.61 15.96 0.12
CA ALA B 127 -8.44 17.39 -0.06
C ALA B 127 -7.35 17.94 0.84
N SER B 128 -7.17 17.33 2.03
CA SER B 128 -6.27 17.89 3.03
C SER B 128 -4.84 17.35 2.86
N LEU B 129 -4.67 16.10 2.42
CA LEU B 129 -3.39 15.43 2.44
C LEU B 129 -2.72 15.36 1.07
N LEU B 130 -3.51 15.45 -0.02
CA LEU B 130 -2.93 15.32 -1.35
C LEU B 130 -2.44 16.68 -1.83
N GLN B 131 -1.25 17.06 -1.35
CA GLN B 131 -0.63 18.33 -1.70
C GLN B 131 0.85 18.10 -1.95
N ALA B 132 1.40 18.81 -2.93
CA ALA B 132 2.82 18.70 -3.27
C ALA B 132 3.66 19.06 -2.07
N GLY B 133 4.59 18.16 -1.71
CA GLY B 133 5.51 18.38 -0.61
C GLY B 133 5.12 17.63 0.66
N TYR B 134 3.84 17.25 0.76
CA TYR B 134 3.35 16.46 1.87
C TYR B 134 3.85 15.02 1.72
N LYS B 135 4.29 14.43 2.83
CA LYS B 135 4.97 13.15 2.77
C LYS B 135 4.04 12.03 3.21
N GLY B 136 4.19 10.90 2.53
CA GLY B 136 3.60 9.65 2.98
C GLY B 136 4.66 8.57 3.15
N ARG B 137 4.21 7.42 3.64
CA ARG B 137 5.08 6.34 4.05
C ARG B 137 4.83 5.14 3.13
N VAL B 138 5.91 4.61 2.56
CA VAL B 138 5.89 3.39 1.77
C VAL B 138 6.64 2.31 2.56
N THR B 139 6.17 1.06 2.42
CA THR B 139 6.75 -0.06 3.15
C THR B 139 6.77 -1.31 2.26
N GLY B 140 7.76 -2.18 2.48
CA GLY B 140 7.86 -3.42 1.73
C GLY B 140 9.15 -4.21 1.97
N TRP B 141 9.17 -5.41 1.38
CA TRP B 141 10.27 -6.34 1.44
C TRP B 141 10.93 -6.45 0.07
N GLY B 142 10.69 -5.44 -0.79
CA GLY B 142 11.33 -5.38 -2.09
C GLY B 142 12.80 -4.97 -2.00
N ASN B 143 13.46 -4.97 -3.17
CA ASN B 143 14.90 -4.76 -3.31
C ASN B 143 15.37 -3.47 -2.64
N LEU B 144 16.62 -3.50 -2.16
CA LEU B 144 17.23 -2.35 -1.49
C LEU B 144 17.90 -1.43 -2.50
N LYS B 145 18.05 -1.90 -3.75
CA LYS B 145 18.58 -1.06 -4.82
C LYS B 145 18.24 -1.69 -6.17
N GLU B 146 18.30 -0.86 -7.22
CA GLU B 146 18.16 -1.30 -8.60
C GLU B 146 19.34 -2.21 -8.97
N GLY B 155 19.70 -9.32 -3.10
CA GLY B 155 19.45 -8.99 -1.69
C GLY B 155 18.08 -8.33 -1.48
N GLN B 156 17.08 -9.14 -1.12
CA GLN B 156 15.85 -8.62 -0.56
C GLN B 156 15.99 -8.61 0.96
N PRO B 157 15.49 -7.57 1.66
CA PRO B 157 15.81 -7.35 3.07
C PRO B 157 15.33 -8.43 4.03
N SER B 158 15.92 -8.36 5.23
CA SER B 158 15.63 -9.27 6.32
C SER B 158 14.26 -8.94 6.92
N VAL B 159 14.04 -7.65 7.19
CA VAL B 159 12.84 -7.18 7.85
C VAL B 159 12.24 -6.06 7.00
N LEU B 160 10.97 -5.78 7.28
CA LEU B 160 10.18 -4.81 6.55
C LEU B 160 10.91 -3.46 6.57
N GLN B 161 10.97 -2.81 5.39
CA GLN B 161 11.59 -1.51 5.23
C GLN B 161 10.52 -0.43 5.16
N VAL B 162 10.90 0.79 5.58
CA VAL B 162 10.05 1.95 5.59
C VAL B 162 10.84 3.17 5.09
N VAL B 163 10.19 3.98 4.26
CA VAL B 163 10.73 5.26 3.83
C VAL B 163 9.57 6.24 3.60
N ASN B 164 9.88 7.52 3.83
CA ASN B 164 8.91 8.60 3.76
C ASN B 164 9.25 9.48 2.56
N LEU B 165 8.27 9.72 1.68
CA LEU B 165 8.53 10.35 0.40
C LEU B 165 7.53 11.47 0.15
N PRO B 166 7.96 12.65 -0.34
CA PRO B 166 7.03 13.74 -0.65
C PRO B 166 6.29 13.56 -1.97
N ILE B 167 4.98 13.82 -1.95
CA ILE B 167 4.17 13.93 -3.15
C ILE B 167 4.71 15.07 -3.99
N VAL B 168 4.71 14.89 -5.31
CA VAL B 168 5.38 15.81 -6.23
C VAL B 168 4.33 16.56 -7.05
N GLU B 169 4.68 17.79 -7.49
CA GLU B 169 3.84 18.58 -8.36
C GLU B 169 3.50 17.77 -9.61
N ARG B 170 2.28 17.95 -10.13
CA ARG B 170 1.81 17.19 -11.26
C ARG B 170 2.67 17.48 -12.50
N PRO B 171 2.91 18.76 -12.87
CA PRO B 171 3.70 19.06 -14.06
C PRO B 171 5.11 18.45 -14.06
N VAL B 172 5.66 18.19 -12.87
CA VAL B 172 6.97 17.59 -12.74
C VAL B 172 6.86 16.10 -13.03
N CYS B 173 5.91 15.44 -12.37
CA CYS B 173 5.55 14.06 -12.69
C CYS B 173 5.47 13.86 -14.20
N LYS B 174 4.68 14.70 -14.89
CA LYS B 174 4.39 14.49 -16.30
C LYS B 174 5.67 14.59 -17.13
N ASP B 175 6.54 15.55 -16.78
CA ASP B 175 7.76 15.80 -17.53
C ASP B 175 8.83 14.75 -17.22
N SER B 176 8.62 13.95 -16.17
CA SER B 176 9.64 13.00 -15.72
C SER B 176 9.62 11.73 -16.56
N THR B 177 8.61 11.57 -17.42
CA THR B 177 8.36 10.30 -18.09
C THR B 177 7.72 10.56 -19.45
N ARG B 178 7.90 9.61 -20.37
CA ARG B 178 7.27 9.64 -21.67
C ARG B 178 5.88 9.01 -21.58
N ILE B 179 5.65 8.23 -20.51
CA ILE B 179 4.37 7.57 -20.30
C ILE B 179 3.28 8.63 -20.14
N ARG B 180 2.14 8.40 -20.82
CA ARG B 180 0.99 9.27 -20.67
C ARG B 180 0.31 8.95 -19.34
N ILE B 181 0.62 9.77 -18.33
CA ILE B 181 0.11 9.56 -16.98
C ILE B 181 -1.31 10.11 -16.92
N THR B 182 -2.04 9.74 -15.87
CA THR B 182 -3.45 10.05 -15.74
C THR B 182 -3.73 10.59 -14.34
N ASP B 183 -5.00 10.96 -14.11
CA ASP B 183 -5.50 11.43 -12.83
C ASP B 183 -5.64 10.28 -11.84
N ASN B 184 -5.44 9.03 -12.29
CA ASN B 184 -5.62 7.86 -11.43
C ASN B 184 -4.28 7.39 -10.86
N MET B 185 -3.25 8.22 -11.03
CA MET B 185 -1.95 7.97 -10.43
C MET B 185 -1.36 9.31 -9.98
N PHE B 186 -0.46 9.22 -8.98
CA PHE B 186 0.34 10.36 -8.53
C PHE B 186 1.76 9.86 -8.31
N CYS B 187 2.70 10.80 -8.13
CA CYS B 187 4.09 10.40 -7.98
C CYS B 187 4.69 11.03 -6.73
N ALA B 188 5.68 10.31 -6.16
CA ALA B 188 6.33 10.72 -4.92
C ALA B 188 7.82 10.39 -4.99
N GLY B 189 8.62 11.20 -4.28
CA GLY B 189 10.07 11.08 -4.29
C GLY B 189 10.73 12.46 -4.17
N TYR B 190 12.01 12.48 -3.76
CA TYR B 190 12.73 13.73 -3.62
C TYR B 190 13.24 14.16 -5.00
N LYS B 191 13.25 15.46 -5.24
CA LYS B 191 13.87 15.99 -6.44
C LYS B 191 15.39 15.92 -6.30
N PRO B 192 16.15 15.98 -7.42
CA PRO B 192 17.62 15.99 -7.37
C PRO B 192 18.23 17.06 -6.45
N ASP B 193 17.62 18.25 -6.44
CA ASP B 193 18.16 19.42 -5.76
C ASP B 193 17.80 19.44 -4.28
N GLU B 194 17.02 18.45 -3.82
CA GLU B 194 16.59 18.40 -2.42
C GLU B 194 17.58 17.60 -1.59
N GLY B 195 18.52 16.92 -2.25
CA GLY B 195 19.60 16.23 -1.54
C GLY B 195 19.23 14.82 -1.10
N LYS B 196 18.02 14.65 -0.54
CA LYS B 196 17.56 13.38 0.02
C LYS B 196 17.08 12.42 -1.08
N ARG B 197 17.05 11.13 -0.70
CA ARG B 197 16.79 10.03 -1.62
C ARG B 197 15.82 9.06 -0.95
N GLY B 198 15.38 8.08 -1.75
CA GLY B 198 14.50 7.03 -1.26
C GLY B 198 13.41 6.76 -2.30
N ASP B 199 12.93 5.51 -2.35
CA ASP B 199 11.97 5.08 -3.35
C ASP B 199 11.56 3.64 -3.03
N ALA B 200 10.45 3.21 -3.62
CA ALA B 200 10.08 1.80 -3.66
C ALA B 200 10.90 1.11 -4.75
N CYS B 201 10.87 -0.23 -4.76
CA CYS B 201 11.64 -1.02 -5.71
C CYS B 201 10.87 -2.28 -6.08
N GLU B 202 11.49 -3.15 -6.90
CA GLU B 202 10.88 -4.41 -7.31
C GLU B 202 10.59 -5.23 -6.05
N GLY B 203 9.32 -5.62 -5.88
CA GLY B 203 8.88 -6.38 -4.73
C GLY B 203 8.06 -5.55 -3.75
N ASP B 204 8.13 -4.22 -3.88
CA ASP B 204 7.32 -3.33 -3.06
C ASP B 204 5.98 -3.04 -3.74
N ALA B 205 5.88 -3.36 -5.03
CA ALA B 205 4.69 -3.03 -5.80
C ALA B 205 3.48 -3.67 -5.13
N GLY B 206 2.38 -2.91 -5.08
CA GLY B 206 1.12 -3.38 -4.52
C GLY B 206 0.99 -3.03 -3.04
N GLY B 207 2.09 -2.56 -2.44
CA GLY B 207 2.09 -2.16 -1.05
C GLY B 207 1.49 -0.76 -0.90
N PRO B 208 1.16 -0.34 0.34
CA PRO B 208 0.53 0.96 0.58
C PRO B 208 1.48 2.16 0.75
N PHE B 209 1.01 3.30 0.21
CA PHE B 209 1.50 4.64 0.54
C PHE B 209 0.53 5.25 1.53
N VAL B 210 0.93 5.32 2.81
CA VAL B 210 0.02 5.75 3.86
C VAL B 210 0.38 7.16 4.31
N MET B 211 -0.59 7.82 4.97
CA MET B 211 -0.45 9.18 5.46
C MET B 211 -1.23 9.29 6.77
N LYS B 212 -0.66 10.03 7.73
CA LYS B 212 -1.29 10.17 9.03
C LYS B 212 -1.99 11.51 9.07
N SER B 213 -3.29 11.50 9.40
CA SER B 213 -4.06 12.71 9.49
C SER B 213 -3.67 13.47 10.76
N PRO B 214 -3.33 14.77 10.67
CA PRO B 214 -3.16 15.59 11.87
C PRO B 214 -4.48 15.99 12.53
N PHE B 215 -5.61 15.53 11.99
CA PHE B 215 -6.92 15.95 12.49
C PHE B 215 -7.54 14.85 13.36
N ASN B 216 -7.30 13.57 13.04
CA ASN B 216 -7.89 12.51 13.84
C ASN B 216 -6.86 11.43 14.19
N ASN B 217 -5.58 11.64 13.85
CA ASN B 217 -4.48 10.79 14.28
C ASN B 217 -4.54 9.40 13.64
N ARG B 218 -5.25 9.27 12.51
CA ARG B 218 -5.46 7.97 11.91
C ARG B 218 -4.63 7.88 10.63
N TRP B 219 -4.22 6.65 10.30
CA TRP B 219 -3.47 6.36 9.09
C TRP B 219 -4.41 6.03 7.93
N TYR B 220 -4.16 6.70 6.79
CA TYR B 220 -4.96 6.52 5.59
C TYR B 220 -4.07 6.06 4.44
N GLN B 221 -4.54 5.04 3.71
CA GLN B 221 -3.85 4.60 2.52
C GLN B 221 -4.30 5.47 1.35
N MET B 222 -3.40 6.35 0.89
CA MET B 222 -3.71 7.27 -0.19
C MET B 222 -3.27 6.69 -1.52
N GLY B 223 -2.40 5.68 -1.50
CA GLY B 223 -1.73 5.25 -2.70
C GLY B 223 -1.37 3.77 -2.66
N ILE B 224 -1.16 3.20 -3.86
CA ILE B 224 -0.68 1.85 -4.02
C ILE B 224 0.57 1.94 -4.89
N VAL B 225 1.64 1.25 -4.47
CA VAL B 225 2.89 1.24 -5.21
C VAL B 225 2.59 0.58 -6.56
N SER B 226 2.82 1.32 -7.65
CA SER B 226 2.41 0.87 -8.97
C SER B 226 3.61 0.67 -9.89
N TRP B 227 4.30 1.75 -10.27
CA TRP B 227 5.38 1.60 -11.24
C TRP B 227 6.44 2.68 -11.09
N GLY B 228 7.62 2.39 -11.67
CA GLY B 228 8.73 3.32 -11.67
C GLY B 228 9.84 2.90 -12.63
N GLU B 229 10.49 3.90 -13.25
CA GLU B 229 11.60 3.66 -14.15
C GLU B 229 12.87 3.50 -13.31
N GLY B 230 13.41 2.27 -13.33
CA GLY B 230 14.42 1.88 -12.37
C GLY B 230 13.91 2.07 -10.94
N CYS B 231 14.82 2.47 -10.05
CA CYS B 231 14.50 2.80 -8.66
C CYS B 231 15.48 3.86 -8.17
N ASP B 232 14.94 4.98 -7.67
CA ASP B 232 15.73 6.02 -7.00
C ASP B 232 16.69 6.71 -7.96
N ARG B 233 16.33 6.80 -9.25
CA ARG B 233 17.09 7.60 -10.20
C ARG B 233 16.74 9.09 -10.02
N ASP B 234 17.75 9.95 -10.16
CA ASP B 234 17.57 11.39 -10.17
C ASP B 234 16.63 11.77 -11.33
N GLY B 235 15.65 12.64 -11.05
CA GLY B 235 14.75 13.13 -12.08
C GLY B 235 13.66 12.12 -12.42
N LYS B 236 13.57 11.06 -11.61
CA LYS B 236 12.51 10.06 -11.71
C LYS B 236 11.82 9.99 -10.36
N TYR B 237 10.52 9.62 -10.39
CA TYR B 237 9.68 9.54 -9.21
C TYR B 237 8.91 8.22 -9.28
N GLY B 238 8.56 7.67 -8.12
CA GLY B 238 7.72 6.48 -8.06
C GLY B 238 6.25 6.85 -8.30
N PHE B 239 5.54 6.02 -9.08
CA PHE B 239 4.13 6.28 -9.38
C PHE B 239 3.24 5.41 -8.51
N TYR B 240 2.17 6.04 -7.97
CA TYR B 240 1.27 5.39 -7.04
C TYR B 240 -0.16 5.50 -7.54
N THR B 241 -0.95 4.44 -7.33
CA THR B 241 -2.36 4.43 -7.70
C THR B 241 -3.12 5.33 -6.75
N HIS B 242 -4.03 6.14 -7.31
CA HIS B 242 -4.82 7.12 -6.57
C HIS B 242 -6.03 6.44 -5.94
N VAL B 243 -5.88 6.00 -4.68
CA VAL B 243 -6.88 5.17 -4.02
C VAL B 243 -8.21 5.90 -3.92
N PHE B 244 -8.21 7.13 -3.43
CA PHE B 244 -9.45 7.82 -3.17
C PHE B 244 -10.26 7.90 -4.47
N ARG B 245 -9.59 8.20 -5.57
CA ARG B 245 -10.24 8.32 -6.87
C ARG B 245 -10.96 7.04 -7.26
N LEU B 246 -10.51 5.88 -6.74
CA LEU B 246 -11.04 4.59 -7.14
C LEU B 246 -11.92 3.99 -6.03
N LYS B 247 -12.23 4.80 -5.02
CA LYS B 247 -12.95 4.37 -3.83
C LYS B 247 -14.37 3.92 -4.22
N LYS B 248 -14.97 4.57 -5.23
CA LYS B 248 -16.30 4.21 -5.67
C LYS B 248 -16.31 2.78 -6.22
N TRP B 249 -15.30 2.44 -7.03
CA TRP B 249 -15.17 1.07 -7.51
C TRP B 249 -15.00 0.10 -6.34
N ILE B 250 -14.21 0.48 -5.33
CA ILE B 250 -14.00 -0.35 -4.16
C ILE B 250 -15.34 -0.63 -3.48
N GLN B 251 -16.13 0.43 -3.28
CA GLN B 251 -17.40 0.32 -2.58
C GLN B 251 -18.35 -0.58 -3.35
N LYS B 252 -18.36 -0.46 -4.68
CA LYS B 252 -19.29 -1.19 -5.53
C LYS B 252 -18.98 -2.68 -5.49
N VAL B 253 -17.70 -3.04 -5.56
CA VAL B 253 -17.27 -4.43 -5.53
C VAL B 253 -17.64 -5.04 -4.19
N ILE B 254 -17.41 -4.28 -3.11
CA ILE B 254 -17.64 -4.81 -1.77
C ILE B 254 -19.14 -4.93 -1.51
N ASP B 255 -19.92 -3.90 -1.90
CA ASP B 255 -21.37 -3.95 -1.79
C ASP B 255 -21.92 -5.15 -2.56
N GLN B 256 -21.48 -5.32 -3.81
CA GLN B 256 -22.11 -6.30 -4.68
C GLN B 256 -21.69 -7.72 -4.33
N PHE B 257 -20.48 -7.93 -3.78
CA PHE B 257 -19.96 -9.28 -3.66
C PHE B 257 -19.49 -9.63 -2.25
N GLY B 258 -19.46 -8.65 -1.33
CA GLY B 258 -19.01 -8.88 0.03
C GLY B 258 -19.77 -9.99 0.76
N GLU B 259 -19.11 -10.49 1.81
CA GLU B 259 -19.30 -11.80 2.43
C GLU B 259 -20.29 -12.68 1.65
N TYR C 1 -13.96 9.83 13.48
CA TYR C 1 -14.15 8.97 12.28
C TYR C 1 -15.58 8.44 12.23
N GLN C 2 -16.10 8.25 11.01
CA GLN C 2 -17.41 7.67 10.78
C GLN C 2 -17.33 6.62 9.68
N THR C 3 -18.18 5.58 9.79
CA THR C 3 -18.13 4.44 8.88
C THR C 3 -18.85 4.77 7.58
N PHE C 4 -18.47 4.02 6.53
CA PHE C 4 -18.85 4.29 5.16
C PHE C 4 -19.41 2.99 4.56
N PHE C 5 -18.93 1.85 5.07
CA PHE C 5 -19.23 0.53 4.54
C PHE C 5 -20.13 -0.22 5.51
N ASN C 6 -20.80 -1.25 4.97
CA ASN C 6 -21.64 -2.13 5.76
C ASN C 6 -20.76 -3.25 6.27
N PRO C 7 -20.60 -3.42 7.61
CA PRO C 7 -19.77 -4.50 8.16
C PRO C 7 -20.11 -5.90 7.67
N ARG C 8 -21.36 -6.10 7.21
CA ARG C 8 -21.80 -7.41 6.73
C ARG C 8 -21.05 -7.78 5.46
N THR C 9 -20.74 -6.79 4.63
CA THR C 9 -20.05 -7.05 3.37
C THR C 9 -18.56 -6.73 3.49
N PHE C 10 -18.25 -5.63 4.19
CA PHE C 10 -16.88 -5.16 4.36
C PHE C 10 -16.12 -6.01 5.39
N GLY C 11 -16.82 -6.46 6.44
CA GLY C 11 -16.19 -7.10 7.59
C GLY C 11 -16.01 -6.11 8.75
N SER C 12 -15.53 -6.62 9.88
CA SER C 12 -15.10 -5.77 10.99
C SER C 12 -13.88 -4.94 10.59
N GLY C 13 -13.64 -3.87 11.36
CA GLY C 13 -12.36 -3.18 11.35
C GLY C 13 -12.46 -1.68 11.06
N GLU C 14 -13.56 -1.23 10.45
CA GLU C 14 -13.59 0.12 9.91
C GLU C 14 -13.66 1.15 11.04
N ALA C 15 -14.41 0.85 12.10
CA ALA C 15 -14.62 1.81 13.17
C ALA C 15 -13.28 2.23 13.79
N ASP C 16 -12.34 1.28 13.89
CA ASP C 16 -11.10 1.48 14.62
C ASP C 16 -9.91 1.49 13.67
N CYS C 17 -10.17 1.68 12.38
CA CYS C 17 -9.13 1.59 11.36
C CYS C 17 -8.07 2.68 11.57
N GLY C 18 -6.81 2.34 11.23
CA GLY C 18 -5.76 3.32 11.11
C GLY C 18 -5.21 3.78 12.46
N LEU C 19 -5.56 3.06 13.55
CA LEU C 19 -5.04 3.31 14.89
C LEU C 19 -4.29 2.06 15.33
N ARG C 20 -2.97 2.19 15.50
CA ARG C 20 -2.11 1.04 15.72
C ARG C 20 -2.08 0.69 17.20
N PRO C 21 -2.28 -0.59 17.58
CA PRO C 21 -2.25 -1.00 18.98
C PRO C 21 -0.99 -0.65 19.75
N LEU C 22 0.16 -0.63 19.07
CA LEU C 22 1.43 -0.43 19.74
C LEU C 22 1.88 1.03 19.68
N PHE C 23 1.13 1.89 19.00
CA PHE C 23 1.50 3.30 18.92
C PHE C 23 0.32 4.18 19.38
N GLU C 24 -0.64 4.45 18.48
CA GLU C 24 -1.69 5.40 18.80
C GLU C 24 -2.48 4.96 20.03
N LYS C 25 -2.70 3.64 20.16
CA LYS C 25 -3.48 3.10 21.27
C LYS C 25 -2.71 3.20 22.59
N LYS C 26 -1.38 3.34 22.53
CA LYS C 26 -0.55 3.40 23.72
C LYS C 26 -0.04 4.82 23.97
N SER C 27 -0.37 5.77 23.07
CA SER C 27 0.14 7.13 23.11
C SER C 27 1.65 7.15 22.92
N LEU C 28 2.15 6.26 22.08
CA LEU C 28 3.56 6.21 21.68
C LEU C 28 3.65 6.57 20.20
N GLU C 29 4.70 7.32 19.82
CA GLU C 29 4.90 7.70 18.44
C GLU C 29 6.07 6.92 17.88
N ASP C 30 5.99 6.53 16.61
CA ASP C 30 7.06 5.78 15.97
C ASP C 30 8.18 6.75 15.61
N LYS C 31 9.27 6.22 15.05
CA LYS C 31 10.53 6.94 15.01
C LYS C 31 10.59 7.95 13.85
N THR C 32 9.64 7.93 12.91
CA THR C 32 9.72 8.88 11.80
C THR C 32 8.38 9.51 11.44
N GLU C 33 7.32 9.26 12.23
CA GLU C 33 6.02 9.81 11.88
C GLU C 33 6.07 11.34 12.01
N ARG C 34 6.94 11.85 12.90
CA ARG C 34 7.10 13.28 13.09
C ARG C 34 7.52 13.95 11.77
N GLU C 35 8.33 13.27 10.96
CA GLU C 35 8.74 13.76 9.65
C GLU C 35 7.50 14.04 8.80
N LEU C 36 6.52 13.14 8.85
CA LEU C 36 5.30 13.30 8.06
C LEU C 36 4.55 14.54 8.54
N LEU C 37 4.38 14.64 9.87
CA LEU C 37 3.63 15.73 10.47
C LEU C 37 4.24 17.07 10.07
N GLU C 38 5.57 17.17 10.08
CA GLU C 38 6.26 18.42 9.81
C GLU C 38 6.13 18.82 8.33
N SER C 39 5.92 17.83 7.45
CA SER C 39 5.78 18.10 6.03
C SER C 39 4.43 18.78 5.72
N TYR C 40 3.45 18.65 6.63
CA TYR C 40 2.12 19.20 6.39
C TYR C 40 2.06 20.68 6.77
N ILE C 41 3.17 21.27 7.21
CA ILE C 41 3.22 22.68 7.58
C ILE C 41 3.70 23.49 6.37
MG MG D . -17.52 -0.30 -22.33
NA NA E . 13.61 9.25 -7.64
O1 MES F . -13.32 -6.26 -17.82
C2 MES F . -12.42 -5.50 -18.63
C3 MES F . -11.76 -6.37 -19.67
N4 MES F . -11.01 -7.48 -19.01
C5 MES F . -11.94 -8.24 -18.12
C6 MES F . -12.61 -7.29 -17.15
C7 MES F . -10.36 -8.38 -20.03
C8 MES F . -9.08 -9.02 -19.53
S MES F . -7.63 -8.45 -20.39
O1S MES F . -7.70 -7.03 -20.38
O2S MES F . -7.71 -9.00 -21.72
O3S MES F . -6.50 -8.97 -19.67
N3 4CC G . 7.97 -1.50 -12.80
C4 4CC G . 8.55 -0.31 -14.92
C5 4CC G . 6.09 -1.22 -15.71
C7 4CC G . 6.91 -2.21 -12.36
C8 4CC G . 9.25 -1.15 -12.15
C10 4CC G . 6.89 -0.45 -16.60
C17 4CC G . 6.96 1.64 -18.68
C20 4CC G . 6.80 -0.42 -9.05
C21 4CC G . 7.48 2.74 -18.03
C24 4CC G . 9.53 -0.01 -8.89
C26 4CC G . 8.60 3.35 -18.53
C28 4CC G . 3.83 2.20 -17.94
C1 4CC G . 7.73 -1.08 -14.04
C2 4CC G . 6.53 -1.55 -14.41
N6 4CC G . 6.01 -2.26 -13.37
C9 4CC G . 8.12 0.01 -16.18
C11 4CC G . 6.42 -3.01 -11.09
C12 4CC G . 5.81 -0.46 -17.71
N13 4CC G . 7.31 -2.81 -9.89
N14 4CC G . 5.89 0.62 -18.71
O15 4CC G . 4.94 -1.25 -17.76
C16 4CC G . 7.64 -1.45 -9.40
C18 4CC G . 4.85 0.69 -19.74
C19 4CC G . 9.02 -1.25 -9.31
N22 4CC G . 7.57 1.18 -19.80
C23 4CC G . 3.56 1.17 -19.05
C25 4CC G . 7.31 0.81 -8.63
C27 4CC G . 8.68 1.77 -20.30
C29 4CC G . 8.67 1.01 -8.55
C30 4CC G . 9.20 2.89 -19.66
O31 4CC G . 3.38 3.36 -18.02
O32 4CC G . 4.51 1.92 -16.90
C33 4CC G . 9.47 2.25 -8.13
N34 4CC G . 10.71 2.65 -8.77
N35 4CC G . 9.00 2.97 -7.23
C1 NAG H . -5.91 -15.46 -17.85
C2 NAG H . -6.69 -14.71 -18.93
C3 NAG H . -8.18 -14.68 -18.61
C4 NAG H . -8.68 -16.06 -18.19
C5 NAG H . -7.86 -16.55 -17.01
C6 NAG H . -8.30 -17.90 -16.47
C7 NAG H . -5.01 -13.14 -19.77
C8 NAG H . -4.89 -11.79 -20.44
N2 NAG H . -6.15 -13.38 -19.12
O3 NAG H . -8.89 -14.20 -19.74
O4 NAG H . -10.05 -15.99 -17.84
O5 NAG H . -6.48 -16.68 -17.42
O6 NAG H . -8.06 -18.95 -17.42
O7 NAG H . -4.10 -13.95 -19.82
#